data_6A8R
#
_entry.id   6A8R
#
_cell.length_a   32.550
_cell.length_b   32.550
_cell.length_c   126.591
_cell.angle_alpha   90.00
_cell.angle_beta   90.00
_cell.angle_gamma   120.00
#
_symmetry.space_group_name_H-M   'P 31'
#
loop_
_entity.id
_entity.type
_entity.pdbx_description
1 polymer 'Double homeobox protein 4'
2 polymer "DNA (5'-D(P*TP*GP*AP*TP*GP*AP*GP*AP*TP*T)-3')"
3 polymer "DNA (5'-D(P*AP*AP*TP*CP*TP*CP*AP*TP*CP*A)-3')"
4 water water
#
loop_
_entity_poly.entity_id
_entity_poly.type
_entity_poly.pdbx_seq_one_letter_code
_entity_poly.pdbx_strand_id
1 'polypeptide(L)' GRRKRTAVTGSQTALLLRAFEKDRFPGIAAREELARETGLPESRIQIWFQNRRARHPGQG B,A
2 'polydeoxyribonucleotide' (DT)(DG)(DA)(DT)(DG)(DA)(DG)(DA)(DT)(DT)(DA) E
3 'polydeoxyribonucleotide' (DT)(DA)(DA)(DT)(DC)(DT)(DC)(DA)(DT)(DC)(DA) F
#
# COMPACT_ATOMS: atom_id res chain seq x y z
N ARG A 2 -3.21 -15.37 2.96
CA ARG A 2 -3.32 -15.15 4.40
C ARG A 2 -2.20 -15.83 5.16
N ARG A 3 -1.50 -15.08 6.01
CA ARG A 3 -0.58 -15.66 6.96
C ARG A 3 -1.34 -15.78 8.27
N LYS A 4 -0.82 -16.60 9.19
CA LYS A 4 -1.50 -16.80 10.47
C LYS A 4 -1.43 -15.50 11.26
N ARG A 5 -2.55 -15.07 11.85
CA ARG A 5 -2.54 -13.74 12.48
C ARG A 5 -1.69 -13.81 13.73
N THR A 6 -0.65 -12.97 13.77
CA THR A 6 0.26 -12.95 14.91
C THR A 6 -0.46 -12.41 16.14
N ALA A 7 -0.37 -13.15 17.23
CA ALA A 7 -0.92 -12.72 18.50
C ALA A 7 0.09 -11.81 19.17
N VAL A 8 -0.27 -10.53 19.33
CA VAL A 8 0.61 -9.55 19.96
C VAL A 8 0.11 -9.35 21.38
N THR A 9 0.96 -9.59 22.36
CA THR A 9 0.54 -9.50 23.75
C THR A 9 0.51 -8.04 24.22
N GLY A 10 -0.13 -7.85 25.38
CA GLY A 10 -0.14 -6.52 26.00
C GLY A 10 1.24 -5.98 26.21
N SER A 11 2.14 -6.79 26.77
CA SER A 11 3.51 -6.34 27.00
C SER A 11 4.23 -6.03 25.69
N GLN A 12 3.99 -6.84 24.65
CA GLN A 12 4.59 -6.56 23.35
C GLN A 12 4.08 -5.22 22.80
N THR A 13 2.77 -5.00 22.87
CA THR A 13 2.21 -3.72 22.43
C THR A 13 2.87 -2.54 23.15
N ALA A 14 2.98 -2.64 24.48
CA ALA A 14 3.58 -1.57 25.27
C ALA A 14 5.01 -1.26 24.82
N LEU A 15 5.80 -2.30 24.60
CA LEU A 15 7.16 -2.09 24.12
C LEU A 15 7.18 -1.47 22.73
N LEU A 16 6.26 -1.90 21.82
CA LEU A 16 6.21 -1.27 20.50
C LEU A 16 5.78 0.20 20.58
N LEU A 17 4.83 0.53 21.47
CA LEU A 17 4.42 1.91 21.63
C LEU A 17 5.58 2.80 22.10
N ARG A 18 6.46 2.28 22.96
CA ARG A 18 7.59 3.09 23.40
C ARG A 18 8.59 3.33 22.27
N ALA A 19 8.86 2.31 21.47
CA ALA A 19 9.77 2.48 20.34
C ALA A 19 9.19 3.44 19.31
N PHE A 20 7.87 3.41 19.12
CA PHE A 20 7.18 4.31 18.20
C PHE A 20 7.42 5.76 18.57
N GLU A 21 7.36 6.07 19.86
CA GLU A 21 7.68 7.40 20.35
C GLU A 21 9.10 7.84 19.97
N LYS A 22 10.04 6.91 19.93
CA LYS A 22 11.41 7.31 19.63
C LYS A 22 11.65 7.48 18.13
N ASP A 23 10.97 6.69 17.30
CA ASP A 23 11.17 6.68 15.86
C ASP A 23 9.99 5.95 15.20
N ARG A 24 9.24 6.65 14.36
CA ARG A 24 8.07 6.06 13.72
C ARG A 24 8.42 5.30 12.45
N PHE A 25 9.67 5.44 11.95
CA PHE A 25 10.11 4.75 10.74
C PHE A 25 11.41 4.00 11.03
N PRO A 26 11.36 3.05 11.95
CA PRO A 26 12.56 2.22 12.22
C PRO A 26 12.99 1.52 10.95
N GLY A 27 14.30 1.56 10.69
CA GLY A 27 14.88 0.75 9.64
C GLY A 27 14.95 -0.72 10.07
N ILE A 28 15.40 -1.55 9.14
CA ILE A 28 15.40 -3.00 9.37
C ILE A 28 16.28 -3.37 10.56
N ALA A 29 17.39 -2.68 10.78
CA ALA A 29 18.26 -3.05 11.90
C ALA A 29 17.59 -2.73 13.23
N ALA A 30 16.92 -1.58 13.32
CA ALA A 30 16.20 -1.23 14.53
C ALA A 30 15.00 -2.14 14.73
N ARG A 31 14.39 -2.58 13.64
CA ARG A 31 13.25 -3.48 13.76
C ARG A 31 13.74 -4.85 14.21
N GLU A 32 14.91 -5.29 13.72
CA GLU A 32 15.46 -6.57 14.16
C GLU A 32 15.82 -6.54 15.63
N GLU A 33 16.33 -5.40 16.10
CA GLU A 33 16.52 -5.23 17.54
C GLU A 33 15.19 -5.39 18.29
N LEU A 34 14.16 -4.65 17.87
CA LEU A 34 12.85 -4.80 18.48
C LEU A 34 12.36 -6.23 18.36
N ALA A 35 12.59 -6.89 17.22
CA ALA A 35 12.24 -8.30 17.08
C ALA A 35 12.84 -9.13 18.21
N ARG A 36 14.15 -8.98 18.43
CA ARG A 36 14.82 -9.72 19.50
C ARG A 36 14.23 -9.37 20.87
N GLU A 37 13.95 -8.08 21.11
CA GLU A 37 13.45 -7.64 22.41
C GLU A 37 12.02 -8.12 22.67
N THR A 38 11.18 -8.13 21.64
CA THR A 38 9.76 -8.36 21.88
C THR A 38 9.37 -9.82 21.69
N GLY A 39 10.16 -10.59 20.91
CA GLY A 39 9.75 -11.91 20.49
C GLY A 39 8.97 -11.96 19.20
N LEU A 40 8.61 -10.83 18.63
CA LEU A 40 7.88 -10.81 17.37
C LEU A 40 8.84 -10.92 16.19
N PRO A 41 8.44 -11.55 15.10
CA PRO A 41 9.28 -11.52 13.89
C PRO A 41 9.37 -10.10 13.35
N GLU A 42 10.55 -9.74 12.85
CA GLU A 42 10.74 -8.43 12.27
C GLU A 42 9.66 -8.10 11.24
N SER A 43 9.28 -9.05 10.39
CA SER A 43 8.24 -8.77 9.40
C SER A 43 6.96 -8.28 10.07
N ARG A 44 6.65 -8.80 11.23
CA ARG A 44 5.45 -8.40 11.93
C ARG A 44 5.59 -7.01 12.57
N ILE A 45 6.79 -6.68 13.04
CA ILE A 45 7.03 -5.34 13.54
C ILE A 45 6.85 -4.31 12.43
N GLN A 46 7.34 -4.60 11.23
CA GLN A 46 7.13 -3.66 10.13
C GLN A 46 5.65 -3.35 9.91
N ILE A 47 4.82 -4.42 9.85
CA ILE A 47 3.38 -4.22 9.67
C ILE A 47 2.79 -3.44 10.84
N TRP A 48 3.23 -3.76 12.08
CA TRP A 48 2.69 -3.05 13.24
C TRP A 48 2.92 -1.54 13.11
N PHE A 49 4.14 -1.15 12.73
CA PHE A 49 4.44 0.27 12.60
C PHE A 49 3.65 0.92 11.48
N GLN A 50 3.56 0.23 10.34
CA GLN A 50 2.73 0.71 9.23
C GLN A 50 1.32 1.04 9.71
N ASN A 51 0.70 0.08 10.38
CA ASN A 51 -0.68 0.27 10.80
C ASN A 51 -0.79 1.40 11.82
N ARG A 52 0.19 1.48 12.71
CA ARG A 52 0.18 2.51 13.71
C ARG A 52 0.27 3.86 13.05
N ARG A 53 1.13 3.98 12.04
CA ARG A 53 1.27 5.29 11.40
C ARG A 53 -0.05 5.70 10.78
N ALA A 54 -0.74 4.74 10.16
CA ALA A 54 -1.98 5.02 9.47
C ALA A 54 -3.14 5.32 10.40
N ARG A 55 -3.14 4.75 11.61
CA ARG A 55 -4.31 4.73 12.45
C ARG A 55 -4.18 5.59 13.70
N HIS A 56 -3.01 5.69 14.32
CA HIS A 56 -2.86 6.41 15.60
CA HIS A 56 -2.85 6.40 15.59
C HIS A 56 -1.48 7.03 15.65
N PRO A 57 -1.19 8.00 14.80
CA PRO A 57 0.10 8.69 14.89
C PRO A 57 0.18 9.52 16.17
N GLY A 58 1.21 9.26 16.97
CA GLY A 58 1.42 9.98 18.21
C GLY A 58 0.44 9.58 19.30
N GLN A 59 0.59 10.23 20.46
CA GLN A 59 -0.21 9.92 21.64
C GLN A 59 -0.14 8.45 22.00
N ARG B 2 2.06 13.65 -0.77
CA ARG B 2 0.86 12.83 -0.78
C ARG B 2 -0.40 13.72 -0.98
N ARG B 3 -1.11 13.40 -2.06
CA ARG B 3 -2.39 13.96 -2.47
C ARG B 3 -3.50 12.92 -2.28
N LYS B 4 -4.74 13.35 -2.57
CA LYS B 4 -5.92 12.53 -2.28
C LYS B 4 -5.98 11.25 -3.13
N ARG B 5 -6.27 10.14 -2.44
CA ARG B 5 -6.23 8.80 -3.05
C ARG B 5 -7.54 8.47 -3.75
N THR B 6 -7.45 8.20 -5.03
CA THR B 6 -8.66 8.00 -5.83
C THR B 6 -9.32 6.66 -5.55
N ALA B 7 -10.65 6.69 -5.35
CA ALA B 7 -11.44 5.46 -5.21
C ALA B 7 -11.80 4.94 -6.60
N VAL B 8 -11.27 3.76 -6.94
CA VAL B 8 -11.51 3.13 -8.22
C VAL B 8 -12.52 2.00 -8.03
N THR B 9 -13.65 2.08 -8.74
CA THR B 9 -14.70 1.12 -8.52
C THR B 9 -14.42 -0.18 -9.27
N GLY B 10 -15.16 -1.22 -8.90
CA GLY B 10 -15.05 -2.47 -9.61
C GLY B 10 -15.28 -2.32 -11.09
N SER B 11 -16.34 -1.60 -11.46
CA SER B 11 -16.64 -1.36 -12.87
C SER B 11 -15.52 -0.56 -13.54
N GLN B 12 -14.94 0.41 -12.84
CA GLN B 12 -13.83 1.12 -13.46
C GLN B 12 -12.65 0.18 -13.65
N THR B 13 -12.32 -0.61 -12.62
CA THR B 13 -11.23 -1.58 -12.74
C THR B 13 -11.42 -2.50 -13.95
N ALA B 14 -12.61 -3.07 -14.08
CA ALA B 14 -12.89 -3.95 -15.20
C ALA B 14 -12.65 -3.27 -16.54
N LEU B 15 -13.08 -2.01 -16.67
CA LEU B 15 -12.85 -1.32 -17.94
C LEU B 15 -11.36 -1.08 -18.17
N LEU B 16 -10.60 -0.74 -17.13
CA LEU B 16 -9.18 -0.53 -17.33
C LEU B 16 -8.49 -1.83 -17.76
N LEU B 17 -8.89 -2.95 -17.18
CA LEU B 17 -8.29 -4.24 -17.53
C LEU B 17 -8.53 -4.56 -18.99
N ARG B 18 -9.69 -4.20 -19.50
CA ARG B 18 -10.02 -4.48 -20.88
C ARG B 18 -9.16 -3.61 -21.80
N ALA B 19 -8.94 -2.36 -21.42
CA ALA B 19 -8.09 -1.48 -22.23
C ALA B 19 -6.65 -1.93 -22.14
N PHE B 20 -6.24 -2.39 -20.95
CA PHE B 20 -4.89 -2.88 -20.77
C PHE B 20 -4.57 -4.02 -21.72
N GLU B 21 -5.50 -4.97 -21.87
CA GLU B 21 -5.35 -6.06 -22.84
C GLU B 21 -5.12 -5.55 -24.26
N LYS B 22 -5.73 -4.42 -24.63
CA LYS B 22 -5.55 -3.94 -25.99
C LYS B 22 -4.24 -3.16 -26.17
N ASP B 23 -3.73 -2.51 -25.12
CA ASP B 23 -2.54 -1.66 -25.21
C ASP B 23 -2.06 -1.30 -23.80
N ARG B 24 -0.84 -1.70 -23.47
CA ARG B 24 -0.28 -1.47 -22.13
C ARG B 24 0.37 -0.11 -21.98
N PHE B 25 0.61 0.59 -23.09
CA PHE B 25 1.20 1.92 -23.06
C PHE B 25 0.31 2.91 -23.81
N PRO B 26 -0.93 3.11 -23.35
CA PRO B 26 -1.76 4.15 -23.97
C PRO B 26 -1.09 5.51 -23.87
N GLY B 27 -1.07 6.22 -24.99
CA GLY B 27 -0.65 7.61 -24.99
C GLY B 27 -1.72 8.50 -24.34
N ILE B 28 -1.39 9.79 -24.26
CA ILE B 28 -2.24 10.70 -23.53
C ILE B 28 -3.61 10.79 -24.18
N ALA B 29 -3.69 10.66 -25.52
CA ALA B 29 -4.99 10.77 -26.16
C ALA B 29 -5.88 9.57 -25.82
N ALA B 30 -5.30 8.37 -25.81
CA ALA B 30 -6.07 7.18 -25.45
C ALA B 30 -6.47 7.20 -23.99
N ARG B 31 -5.64 7.77 -23.15
CA ARG B 31 -5.96 7.83 -21.73
C ARG B 31 -7.08 8.80 -21.46
N GLU B 32 -7.14 9.90 -22.24
CA GLU B 32 -8.26 10.85 -22.12
C GLU B 32 -9.56 10.21 -22.59
N GLU B 33 -9.51 9.40 -23.64
CA GLU B 33 -10.67 8.59 -23.99
C GLU B 33 -11.07 7.72 -22.80
N LEU B 34 -10.10 6.98 -22.24
CA LEU B 34 -10.37 6.16 -21.08
C LEU B 34 -10.89 7.01 -19.95
N ALA B 35 -10.27 8.18 -19.75
CA ALA B 35 -10.76 9.10 -18.72
C ALA B 35 -12.25 9.39 -18.88
N ARG B 36 -12.65 9.79 -20.08
CA ARG B 36 -14.05 10.08 -20.32
C ARG B 36 -14.94 8.85 -20.10
N GLU B 37 -14.49 7.68 -20.54
CA GLU B 37 -15.36 6.50 -20.43
C GLU B 37 -15.52 6.05 -18.97
N THR B 38 -14.46 6.15 -18.19
CA THR B 38 -14.47 5.56 -16.86
C THR B 38 -14.88 6.57 -15.80
N GLY B 39 -14.70 7.87 -16.07
CA GLY B 39 -14.91 8.88 -15.06
C GLY B 39 -13.68 9.20 -14.24
N LEU B 40 -12.61 8.48 -14.43
CA LEU B 40 -11.39 8.77 -13.71
C LEU B 40 -10.59 9.86 -14.40
N PRO B 41 -9.86 10.69 -13.65
CA PRO B 41 -8.97 11.65 -14.32
C PRO B 41 -7.83 10.96 -15.09
N GLU B 42 -7.46 11.54 -16.22
CA GLU B 42 -6.34 11.00 -16.99
C GLU B 42 -5.11 10.79 -16.13
N SER B 43 -4.81 11.72 -15.23
CA SER B 43 -3.63 11.58 -14.38
C SER B 43 -3.68 10.27 -13.62
N ARG B 44 -4.85 9.86 -13.17
CA ARG B 44 -5.00 8.64 -12.40
C ARG B 44 -4.93 7.41 -13.28
N ILE B 45 -5.38 7.51 -14.54
CA ILE B 45 -5.28 6.39 -15.46
C ILE B 45 -3.83 6.06 -15.75
N GLN B 46 -2.99 7.08 -15.93
CA GLN B 46 -1.55 6.89 -16.12
C GLN B 46 -0.93 6.08 -14.97
N ILE B 47 -1.24 6.49 -13.74
CA ILE B 47 -0.72 5.76 -12.58
C ILE B 47 -1.24 4.32 -12.56
N TRP B 48 -2.54 4.13 -12.85
CA TRP B 48 -3.10 2.78 -12.84
C TRP B 48 -2.32 1.89 -13.81
N PHE B 49 -2.04 2.39 -15.01
CA PHE B 49 -1.32 1.59 -15.99
C PHE B 49 0.11 1.31 -15.57
N GLN B 50 0.80 2.33 -15.05
CA GLN B 50 2.15 2.12 -14.49
C GLN B 50 2.16 0.98 -13.47
N ASN B 51 1.26 1.07 -12.50
CA ASN B 51 1.25 0.08 -11.44
C ASN B 51 0.91 -1.30 -11.98
N ARG B 52 -0.02 -1.37 -12.91
CA ARG B 52 -0.35 -2.66 -13.50
C ARG B 52 0.85 -3.26 -14.21
N ARG B 53 1.58 -2.45 -14.99
CA ARG B 53 2.71 -2.97 -15.74
C ARG B 53 3.73 -3.52 -14.78
N ALA B 54 3.93 -2.80 -13.67
CA ALA B 54 4.94 -3.19 -12.69
C ALA B 54 4.53 -4.44 -11.91
N ARG B 55 3.23 -4.67 -11.72
CA ARG B 55 2.74 -5.67 -10.80
C ARG B 55 2.05 -6.86 -11.47
N HIS B 56 1.30 -6.64 -12.54
CA HIS B 56 0.53 -7.72 -13.18
CA HIS B 56 0.53 -7.71 -13.18
C HIS B 56 0.60 -7.55 -14.69
N PRO B 57 1.78 -7.71 -15.28
CA PRO B 57 1.86 -7.65 -16.74
C PRO B 57 0.97 -8.74 -17.36
N GLY B 58 0.09 -8.33 -18.25
CA GLY B 58 -0.79 -9.28 -18.92
C GLY B 58 -1.88 -9.84 -18.03
N GLN B 59 -2.64 -10.76 -18.61
CA GLN B 59 -3.78 -11.40 -17.94
C GLN B 59 -3.40 -11.79 -16.51
#